data_5B77
#
_entry.id   5B77
#
_cell.length_a   47.708
_cell.length_b   48.028
_cell.length_c   75.168
_cell.angle_alpha   90.00
_cell.angle_beta   90.00
_cell.angle_gamma   90.00
#
_symmetry.space_group_name_H-M   'P 21 21 21'
#
loop_
_entity.id
_entity.type
_entity.pdbx_description
1 polymer 'Histone acetyltransferase KAT6A'
2 polymer 'Histone H3'
3 non-polymer 'ZINC ION'
4 non-polymer 'SULFATE ION'
5 water water
#
loop_
_entity_poly.entity_id
_entity_poly.type
_entity_poly.pdbx_seq_one_letter_code
_entity_poly.pdbx_strand_id
1 'polypeptide(L)'
;SLPHEKDKPVAEPIPICSFCLGTKEQNREKKPEELISCADCGNSGHPSCLKFSPELTVRVKALRWQCIECKTCSSCRDQG
KNADNMLFCDSCDRGFHMECCDPPLTRMPKGMWICQICRPRKKGRKLLQKK
;
A
2 'polypeptide(L)' ARTKQTARKSTGG(PRK)APRKQLATKAA B
#
loop_
_chem_comp.id
_chem_comp.type
_chem_comp.name
_chem_comp.formula
SO4 non-polymer 'SULFATE ION' 'O4 S -2'
ZN non-polymer 'ZINC ION' 'Zn 2'
#
# COMPACT_ATOMS: atom_id res chain seq x y z
N GLU A 5 -7.28 11.10 -8.25
CA GLU A 5 -7.62 10.54 -6.95
C GLU A 5 -8.87 11.20 -6.38
N LYS A 6 -8.96 12.52 -6.55
CA LYS A 6 -10.16 13.23 -6.16
C LYS A 6 -11.40 12.73 -6.89
N ASP A 7 -11.21 12.01 -8.01
CA ASP A 7 -12.30 11.67 -8.90
C ASP A 7 -12.70 10.20 -8.90
N LYS A 8 -11.87 9.32 -8.40
CA LYS A 8 -12.31 7.94 -8.63
C LYS A 8 -12.96 7.36 -7.40
N PRO A 9 -14.17 6.80 -7.50
CA PRO A 9 -14.88 6.34 -6.30
C PRO A 9 -14.14 5.26 -5.56
N VAL A 10 -14.47 5.16 -4.28
CA VAL A 10 -13.79 4.29 -3.30
C VAL A 10 -14.66 3.07 -3.05
N ALA A 11 -14.05 1.88 -3.14
CA ALA A 11 -14.75 0.60 -2.94
C ALA A 11 -15.18 0.43 -1.48
N GLU A 12 -16.18 -0.42 -1.27
CA GLU A 12 -16.61 -0.76 0.09
C GLU A 12 -15.45 -1.41 0.85
N PRO A 13 -15.08 -0.90 2.03
CA PRO A 13 -13.97 -1.50 2.77
C PRO A 13 -14.38 -2.79 3.47
N ILE A 14 -13.46 -3.74 3.47
CA ILE A 14 -13.64 -4.99 4.21
C ILE A 14 -13.07 -4.78 5.61
N PRO A 15 -13.84 -5.00 6.67
CA PRO A 15 -13.40 -4.57 8.00
C PRO A 15 -12.53 -5.62 8.69
N ILE A 16 -11.71 -6.31 7.92
CA ILE A 16 -10.86 -7.38 8.44
C ILE A 16 -9.47 -7.17 7.88
N CYS A 17 -8.43 -7.30 8.72
CA CYS A 17 -7.08 -7.22 8.20
C CYS A 17 -6.72 -8.49 7.40
N SER A 18 -6.32 -8.30 6.14
CA SER A 18 -5.97 -9.40 5.27
C SER A 18 -4.76 -10.16 5.75
N PHE A 19 -3.93 -9.55 6.60
CA PHE A 19 -2.73 -10.22 7.03
C PHE A 19 -2.92 -11.04 8.31
N CYS A 20 -3.54 -10.46 9.35
CA CYS A 20 -3.71 -11.17 10.61
C CYS A 20 -5.13 -11.61 10.89
N LEU A 21 -6.10 -11.21 10.06
CA LEU A 21 -7.52 -11.58 10.22
C LEU A 21 -8.15 -10.94 11.45
N GLY A 22 -7.49 -9.98 12.06
CA GLY A 22 -8.10 -9.19 13.11
C GLY A 22 -8.95 -8.06 12.56
N THR A 23 -9.72 -7.50 13.45
CA THR A 23 -10.54 -6.33 13.16
C THR A 23 -9.86 -5.09 13.67
N LYS A 24 -10.57 -3.96 13.58
CA LYS A 24 -10.09 -2.75 14.23
C LYS A 24 -9.95 -2.93 15.74
N GLU A 25 -10.56 -3.96 16.32
CA GLU A 25 -10.45 -4.15 17.75
C GLU A 25 -9.24 -4.96 18.16
N GLN A 26 -8.52 -5.61 17.23
CA GLN A 26 -7.42 -6.47 17.64
C GLN A 26 -6.39 -6.60 16.52
N ASN A 27 -5.19 -6.08 16.74
CA ASN A 27 -4.08 -6.33 15.82
C ASN A 27 -3.25 -7.51 16.35
N ARG A 28 -2.01 -7.68 15.85
CA ARG A 28 -1.21 -8.82 16.24
C ARG A 28 -0.72 -8.74 17.67
N GLU A 29 -0.78 -7.54 18.27
CA GLU A 29 -0.40 -7.36 19.66
C GLU A 29 -1.59 -7.29 20.60
N LYS A 30 -2.75 -7.78 20.16
CA LYS A 30 -3.94 -7.86 21.01
C LYS A 30 -4.42 -6.47 21.43
N LYS A 31 -4.25 -5.48 20.57
CA LYS A 31 -4.63 -4.10 20.85
C LYS A 31 -5.48 -3.55 19.71
N PRO A 32 -6.36 -2.60 20.00
CA PRO A 32 -7.13 -1.95 18.92
C PRO A 32 -6.23 -1.15 18.01
N GLU A 33 -6.56 -1.14 16.73
CA GLU A 33 -5.79 -0.39 15.75
C GLU A 33 -6.65 -0.26 14.50
N GLU A 34 -6.91 0.98 14.09
CA GLU A 34 -7.76 1.21 12.93
C GLU A 34 -7.14 0.65 11.67
N LEU A 35 -8.00 0.18 10.76
CA LEU A 35 -7.57 -0.37 9.49
C LEU A 35 -7.39 0.73 8.45
N ILE A 36 -6.55 0.44 7.45
CA ILE A 36 -6.62 1.22 6.22
C ILE A 36 -7.05 0.29 5.10
N SER A 37 -7.80 0.83 4.15
CA SER A 37 -8.48 0.01 3.15
C SER A 37 -8.17 0.53 1.75
N CYS A 38 -7.94 -0.41 0.85
CA CYS A 38 -7.66 -0.08 -0.54
C CYS A 38 -8.87 0.54 -1.19
N ALA A 39 -8.67 1.66 -1.88
CA ALA A 39 -9.79 2.33 -2.51
C ALA A 39 -10.30 1.58 -3.72
N ASP A 40 -9.52 0.67 -4.28
CA ASP A 40 -9.98 -0.03 -5.47
C ASP A 40 -10.56 -1.42 -5.20
N CYS A 41 -9.99 -2.20 -4.27
CA CYS A 41 -10.55 -3.49 -3.99
C CYS A 41 -11.19 -3.61 -2.62
N GLY A 42 -11.00 -2.63 -1.74
CA GLY A 42 -11.58 -2.68 -0.41
C GLY A 42 -10.86 -3.55 0.59
N ASN A 43 -9.85 -4.30 0.18
CA ASN A 43 -9.15 -5.12 1.15
C ASN A 43 -8.34 -4.21 2.09
N SER A 44 -8.13 -4.68 3.33
CA SER A 44 -7.66 -3.82 4.41
C SER A 44 -6.47 -4.43 5.14
N GLY A 45 -5.75 -3.56 5.85
CA GLY A 45 -4.66 -3.99 6.70
C GLY A 45 -4.50 -3.07 7.88
N HIS A 46 -4.06 -3.61 9.00
CA HIS A 46 -3.58 -2.76 10.07
C HIS A 46 -2.28 -2.09 9.60
N PRO A 47 -2.08 -0.79 9.88
CA PRO A 47 -0.76 -0.19 9.60
C PRO A 47 0.41 -1.00 10.13
N SER A 48 0.26 -1.59 11.32
CA SER A 48 1.35 -2.39 11.88
C SER A 48 1.60 -3.65 11.06
N CYS A 49 0.55 -4.25 10.51
CA CYS A 49 0.74 -5.40 9.63
C CYS A 49 1.28 -5.01 8.26
N LEU A 50 0.95 -3.79 7.80
CA LEU A 50 1.48 -3.24 6.55
C LEU A 50 2.91 -2.75 6.71
N LYS A 51 3.39 -2.68 7.95
CA LYS A 51 4.74 -2.21 8.28
C LYS A 51 4.90 -0.73 7.93
N PHE A 52 3.82 0.02 8.06
CA PHE A 52 3.88 1.48 7.86
C PHE A 52 4.25 2.22 9.14
N SER A 53 5.12 3.21 9.00
CA SER A 53 5.44 4.10 10.10
C SER A 53 4.21 4.91 10.51
N PRO A 54 4.20 5.49 11.72
CA PRO A 54 3.08 6.37 12.06
C PRO A 54 2.93 7.53 11.10
N GLU A 55 4.05 8.11 10.63
CA GLU A 55 3.96 9.26 9.74
C GLU A 55 3.39 8.88 8.38
N LEU A 56 3.83 7.75 7.82
CA LEU A 56 3.30 7.30 6.55
C LEU A 56 1.82 6.96 6.70
N THR A 57 1.46 6.35 7.82
CA THR A 57 0.06 6.01 8.07
C THR A 57 -0.82 7.26 8.03
N VAL A 58 -0.37 8.36 8.64
CA VAL A 58 -1.17 9.57 8.62
C VAL A 58 -1.35 10.07 7.19
N ARG A 59 -0.28 10.00 6.38
CA ARG A 59 -0.39 10.49 5.02
C ARG A 59 -1.31 9.61 4.18
N VAL A 60 -1.23 8.28 4.31
CA VAL A 60 -2.05 7.47 3.41
C VAL A 60 -3.52 7.54 3.82
N LYS A 61 -3.82 7.79 5.10
CA LYS A 61 -5.23 7.91 5.50
C LYS A 61 -5.90 9.12 4.88
N ALA A 62 -5.14 10.10 4.40
CA ALA A 62 -5.67 11.28 3.78
C ALA A 62 -5.64 11.23 2.26
N LEU A 63 -5.21 10.12 1.68
CA LEU A 63 -5.07 9.95 0.24
C LEU A 63 -5.92 8.78 -0.24
N ARG A 64 -6.18 8.72 -1.55
CA ARG A 64 -6.85 7.55 -2.15
C ARG A 64 -5.85 6.40 -2.27
N TRP A 65 -5.63 5.73 -1.13
CA TRP A 65 -4.58 4.73 -1.06
C TRP A 65 -4.98 3.44 -1.73
N GLN A 66 -3.99 2.79 -2.39
CA GLN A 66 -4.15 1.51 -3.06
C GLN A 66 -3.25 0.48 -2.41
N CYS A 67 -3.75 -0.75 -2.34
CA CYS A 67 -2.95 -1.86 -1.85
C CYS A 67 -1.81 -2.17 -2.80
N ILE A 68 -0.92 -3.07 -2.36
CA ILE A 68 0.26 -3.43 -3.16
C ILE A 68 -0.14 -3.88 -4.55
N GLU A 69 -1.13 -4.78 -4.64
CA GLU A 69 -1.49 -5.32 -5.95
C GLU A 69 -2.25 -4.33 -6.80
N CYS A 70 -3.11 -3.51 -6.20
CA CYS A 70 -3.88 -2.54 -6.99
C CYS A 70 -3.08 -1.30 -7.41
N LYS A 71 -1.93 -1.04 -6.78
CA LYS A 71 -1.19 0.21 -6.98
C LYS A 71 -0.94 0.46 -8.46
N THR A 72 -1.34 1.65 -8.94
CA THR A 72 -1.05 2.07 -10.29
C THR A 72 -0.08 3.24 -10.25
N CYS A 73 0.69 3.39 -11.31
CA CYS A 73 1.66 4.49 -11.36
C CYS A 73 0.93 5.83 -11.37
N SER A 74 1.33 6.74 -10.48
CA SER A 74 0.64 8.03 -10.40
C SER A 74 0.82 8.86 -11.67
N SER A 75 1.91 8.65 -12.41
CA SER A 75 2.15 9.41 -13.65
C SER A 75 1.39 8.84 -14.84
N CYS A 76 1.55 7.55 -15.14
CA CYS A 76 0.95 6.99 -16.36
C CYS A 76 -0.36 6.26 -16.11
N ARG A 77 -0.72 6.00 -14.85
CA ARG A 77 -1.98 5.38 -14.45
C ARG A 77 -2.04 3.90 -14.80
N ASP A 78 -0.91 3.31 -15.19
CA ASP A 78 -0.83 1.94 -15.63
C ASP A 78 -0.15 1.07 -14.58
N GLN A 79 -0.32 -0.26 -14.73
CA GLN A 79 0.57 -1.18 -14.04
C GLN A 79 1.59 -1.72 -15.03
N GLY A 80 1.12 -2.53 -15.97
CA GLY A 80 1.91 -2.84 -17.15
C GLY A 80 2.97 -3.91 -16.91
N LYS A 81 3.81 -4.09 -17.93
CA LYS A 81 4.76 -5.21 -17.89
C LYS A 81 5.81 -5.05 -16.80
N ASN A 82 6.10 -3.80 -16.40
CA ASN A 82 7.08 -3.49 -15.38
C ASN A 82 6.46 -3.22 -14.02
N ALA A 83 5.27 -3.74 -13.77
CA ALA A 83 4.55 -3.40 -12.53
C ALA A 83 5.34 -3.80 -11.29
N ASP A 84 6.01 -4.96 -11.31
CA ASP A 84 6.67 -5.43 -10.10
C ASP A 84 7.80 -4.52 -9.66
N ASN A 85 8.36 -3.74 -10.58
CA ASN A 85 9.45 -2.84 -10.24
C ASN A 85 9.00 -1.42 -9.99
N MET A 86 7.69 -1.19 -9.93
CA MET A 86 7.17 0.11 -9.56
C MET A 86 7.67 0.51 -8.17
N LEU A 87 8.20 1.73 -8.04
CA LEU A 87 8.62 2.27 -6.74
C LEU A 87 7.41 2.73 -5.93
N PHE A 88 7.49 2.54 -4.59
CA PHE A 88 6.48 3.05 -3.67
C PHE A 88 7.12 4.15 -2.82
N CYS A 89 6.51 5.33 -2.83
CA CYS A 89 7.04 6.46 -2.09
C CYS A 89 7.02 6.19 -0.60
N ASP A 90 8.14 6.49 0.08
CA ASP A 90 8.18 6.25 1.51
C ASP A 90 7.56 7.37 2.34
N SER A 91 7.05 8.42 1.70
CA SER A 91 6.28 9.48 2.34
C SER A 91 4.77 9.33 2.15
N CYS A 92 4.32 8.98 0.95
CA CYS A 92 2.89 8.99 0.66
C CYS A 92 2.39 7.65 0.11
N ASP A 93 3.28 6.68 -0.07
CA ASP A 93 3.02 5.37 -0.65
C ASP A 93 2.44 5.39 -2.06
N ARG A 94 2.48 6.51 -2.81
CA ARG A 94 2.14 6.45 -4.24
C ARG A 94 3.16 5.60 -5.01
N GLY A 95 2.70 4.99 -6.10
CA GLY A 95 3.57 4.22 -6.99
C GLY A 95 4.03 5.02 -8.19
N PHE A 96 5.27 4.82 -8.59
CA PHE A 96 5.80 5.41 -9.82
C PHE A 96 6.68 4.38 -10.49
N HIS A 97 6.47 4.12 -11.78
CA HIS A 97 7.51 3.41 -12.52
C HIS A 97 8.78 4.23 -12.56
N MET A 98 9.94 3.56 -12.53
CA MET A 98 11.19 4.30 -12.64
C MET A 98 11.20 5.16 -13.90
N GLU A 99 10.68 4.63 -15.01
CA GLU A 99 10.76 5.40 -16.24
C GLU A 99 9.76 6.55 -16.28
N CYS A 100 8.86 6.61 -15.31
CA CYS A 100 7.84 7.65 -15.22
C CYS A 100 8.16 8.70 -14.18
N CYS A 101 9.28 8.56 -13.45
CA CYS A 101 9.70 9.57 -12.49
C CYS A 101 10.16 10.81 -13.26
N ASP A 102 10.12 11.94 -12.55
CA ASP A 102 10.68 13.17 -13.10
C ASP A 102 11.79 13.65 -12.20
N PRO A 103 13.07 13.49 -12.63
CA PRO A 103 13.46 12.88 -13.90
C PRO A 103 13.46 11.36 -13.86
N PRO A 104 13.50 10.72 -15.02
CA PRO A 104 13.44 9.26 -15.05
C PRO A 104 14.68 8.64 -14.40
N LEU A 105 14.47 7.45 -13.86
CA LEU A 105 15.50 6.73 -13.12
C LEU A 105 15.88 5.51 -13.93
N THR A 106 17.17 5.32 -14.13
CA THR A 106 17.64 4.11 -14.77
C THR A 106 17.78 2.97 -13.79
N ARG A 107 18.12 3.29 -12.54
CA ARG A 107 18.41 2.29 -11.53
C ARG A 107 17.58 2.58 -10.29
N MET A 108 17.40 1.53 -9.52
CA MET A 108 16.68 1.61 -8.27
C MET A 108 17.38 2.60 -7.33
N PRO A 109 16.63 3.49 -6.71
CA PRO A 109 17.22 4.35 -5.68
C PRO A 109 17.61 3.56 -4.45
N LYS A 110 18.57 4.10 -3.72
CA LYS A 110 19.10 3.44 -2.53
C LYS A 110 18.50 4.11 -1.29
N GLY A 111 18.11 3.28 -0.32
CA GLY A 111 17.59 3.82 0.93
C GLY A 111 16.17 4.33 0.76
N MET A 112 15.72 5.13 1.72
CA MET A 112 14.38 5.69 1.65
CA MET A 112 14.39 5.71 1.67
C MET A 112 14.24 6.52 0.39
N TRP A 113 13.09 6.44 -0.26
CA TRP A 113 12.87 7.17 -1.49
C TRP A 113 11.60 7.99 -1.40
N ILE A 114 11.69 9.27 -1.76
CA ILE A 114 10.60 10.22 -1.72
C ILE A 114 10.28 10.63 -3.14
N CYS A 115 8.99 10.61 -3.50
CA CYS A 115 8.52 10.82 -4.86
C CYS A 115 8.53 12.31 -5.21
N GLN A 116 8.26 12.57 -6.50
CA GLN A 116 8.31 13.93 -7.02
C GLN A 116 7.24 14.83 -6.43
N ILE A 117 6.15 14.25 -5.93
CA ILE A 117 5.10 15.03 -5.29
C ILE A 117 5.51 15.44 -3.89
N CYS A 118 6.14 14.53 -3.13
CA CYS A 118 6.46 14.89 -1.76
C CYS A 118 7.72 15.73 -1.64
N ARG A 119 8.65 15.60 -2.57
CA ARG A 119 9.85 16.44 -2.57
C ARG A 119 9.48 17.91 -2.45
N PRO A 120 10.05 18.66 -1.49
CA PRO A 120 9.89 20.12 -1.54
C PRO A 120 10.63 20.71 -2.73
N ALA B 1 14.90 1.48 -1.18
CA ALA B 1 13.60 1.89 -1.68
C ALA B 1 12.78 0.66 -1.82
N ARG B 2 11.47 0.83 -1.82
CA ARG B 2 10.55 -0.29 -1.96
C ARG B 2 10.00 -0.31 -3.37
N THR B 3 9.85 -1.51 -3.91
CA THR B 3 9.06 -1.70 -5.11
C THR B 3 7.88 -2.57 -4.74
N LYS B 4 6.97 -2.73 -5.70
CA LYS B 4 5.86 -3.65 -5.48
C LYS B 4 6.37 -5.03 -5.08
N GLN B 5 7.40 -5.51 -5.79
CA GLN B 5 7.95 -6.83 -5.52
C GLN B 5 8.58 -6.90 -4.14
N THR B 6 9.42 -5.90 -3.78
CA THR B 6 10.07 -6.02 -2.49
C THR B 6 9.11 -5.79 -1.35
N ALA B 7 8.05 -4.99 -1.57
CA ALA B 7 7.07 -4.71 -0.53
C ALA B 7 6.24 -5.95 -0.23
N ARG B 8 5.93 -6.75 -1.27
CA ARG B 8 5.29 -8.04 -1.06
C ARG B 8 6.05 -8.87 -0.06
N LYS B 9 7.38 -8.97 -0.26
CA LYS B 9 8.23 -9.83 0.55
C LYS B 9 8.40 -9.26 1.94
N SER B 10 8.66 -7.96 2.03
CA SER B 10 9.01 -7.40 3.33
C SER B 10 7.78 -7.29 4.23
N THR B 11 6.60 -7.16 3.63
CA THR B 11 5.39 -7.06 4.42
C THR B 11 5.06 -8.38 5.11
N GLY B 12 5.26 -9.51 4.44
CA GLY B 12 4.85 -10.82 4.90
C GLY B 12 3.57 -11.26 4.22
N GLY B 13 3.37 -12.57 4.16
CA GLY B 13 2.21 -13.08 3.44
C GLY B 13 0.82 -12.73 3.95
C PRK B 14 -1.95 -13.84 4.02
N PRK B 14 -0.11 -12.60 3.02
O PRK B 14 -1.42 -14.94 3.75
CA PRK B 14 -1.52 -12.53 3.41
CB PRK B 14 -2.47 -12.20 2.29
CD PRK B 14 -3.11 -10.08 1.24
CE PRK B 14 -2.61 -8.71 0.80
CG PRK B 14 -1.97 -10.88 1.77
NZ PRK B 14 -3.66 -7.82 1.19
CAA PRK B 14 -4.42 -4.34 2.05
OAD PRK B 14 -2.39 -5.97 0.95
CAF PRK B 14 -4.72 -5.75 1.70
CAL PRK B 14 -3.47 -6.50 1.27
N ALA B 15 -2.97 -13.75 4.88
CA ALA B 15 -3.55 -14.95 5.47
C ALA B 15 -4.34 -15.76 4.43
N PRO B 16 -4.52 -17.06 4.65
CA PRO B 16 -5.26 -17.87 3.68
C PRO B 16 -6.64 -17.29 3.42
N ARG B 17 -6.99 -17.16 2.14
CA ARG B 17 -8.22 -16.46 1.77
C ARG B 17 -9.46 -17.16 2.30
N LYS B 18 -9.44 -18.50 2.29
CA LYS B 18 -10.54 -19.26 2.88
C LYS B 18 -10.73 -18.89 4.33
N GLN B 19 -9.64 -18.59 5.03
CA GLN B 19 -9.77 -18.14 6.41
C GLN B 19 -10.33 -16.70 6.47
N LEU B 20 -9.95 -15.83 5.52
CA LEU B 20 -10.51 -14.47 5.44
C LEU B 20 -11.97 -14.50 5.04
N ALA B 21 -12.38 -15.47 4.21
CA ALA B 21 -13.80 -15.64 3.90
C ALA B 21 -14.56 -16.18 5.09
N THR B 22 -14.01 -17.21 5.76
CA THR B 22 -14.65 -17.72 6.98
C THR B 22 -14.90 -16.61 7.98
N LYS B 23 -13.98 -15.63 8.02
CA LYS B 23 -14.12 -14.49 8.91
C LYS B 23 -14.98 -13.39 8.32
N ALA B 24 -14.95 -13.19 6.99
CA ALA B 24 -15.77 -12.15 6.38
C ALA B 24 -17.26 -12.45 6.43
N ALA B 25 -17.65 -13.63 6.90
CA ALA B 25 -19.05 -13.96 7.02
C ALA B 25 -19.25 -15.03 8.09
ZN ZN C . 5.24 10.75 -2.21
ZN ZN D . 4.21 4.84 -15.08
ZN ZN E . -3.45 -7.10 11.00
ZN ZN F . -6.52 -3.30 -3.68
S SO4 G . 17.97 -0.16 -0.10
O1 SO4 G . 17.77 -1.58 0.14
O2 SO4 G . 17.28 0.58 0.96
O3 SO4 G . 19.40 0.13 -0.10
O4 SO4 G . 17.38 0.19 -1.40
S SO4 H . -4.30 -18.80 0.08
O1 SO4 H . -2.95 -18.62 0.61
O2 SO4 H . -5.05 -19.69 0.96
O3 SO4 H . -4.21 -19.37 -1.27
O4 SO4 H . -4.97 -17.51 0.00
#